data_2AMP
#
_entry.id   2AMP
#
_cell.length_a   66.589
_cell.length_b   90.239
_cell.length_c   110.345
_cell.angle_alpha   90.00
_cell.angle_beta   90.00
_cell.angle_gamma   90.00
#
_symmetry.space_group_name_H-M   'P 21 21 21'
#
loop_
_entity.id
_entity.type
_entity.pdbx_description
1 polymer '3C-like proteinase'
2 non-polymer N-[(5-METHYLISOXAZOL-3-YL)CARBONYL]-L-ALANYL-L-VALYL-N~1~-((1S)-4-ETHOXY-4-OXO-1-{[(3S)-2-OXOPYRROLIDIN-3-YL]METHYL}BUT-2-ENYL)-L-LEUCINAMIDE
3 water water
#
_entity_poly.entity_id   1
_entity_poly.type   'polypeptide(L)'
_entity_poly.pdbx_seq_one_letter_code
;GSSGLRKMAQPSGLVEPCIVRVSYGNNVLNGLWLGDEVICPRHVIASDTTRVINYENEMSSVRLHNFSVSKNNVFLGVVS
ARYKGVNLVLKVNQVNPNTPEHKFKSIKAGESFNILACYEGCPGSVYGVNMRSQGTIKGSFIAGTCGSVGYVLENGILYF
VYMHHLELGNGSHVGSNFEGEMYGGYEDQPSMQLEGTNVMSSDNVVAFLYAALINGERWFVTNTSMSLESYNTWAKTNSF
TELSSTDAFSMLAAKTGQSVEKLLDSIVRLNKGFGGRTILSYGSLCDEFTPTEVIRQMYGVNLQ
;
_entity_poly.pdbx_strand_id   A,B
#
loop_
_chem_comp.id
_chem_comp.type
_chem_comp.name
_chem_comp.formula
I12 non-polymer N-[(5-METHYLISOXAZOL-3-YL)CARBONYL]-L-ALANYL-L-VALYL-N~1~-((1S)-4-ETHOXY-4-OXO-1-{[(3S)-2-OXOPYRROLIDIN-3-YL]METHYL}BUT-2-ENYL)-L-LEUCINAMIDE 'C30 H46 N6 O8'
#
# COMPACT_ATOMS: atom_id res chain seq x y z
N SER A 3 11.13 7.54 -9.00
CA SER A 3 10.38 6.37 -8.43
C SER A 3 11.24 5.54 -7.45
N GLY A 4 11.07 5.78 -6.15
CA GLY A 4 11.80 5.00 -5.16
C GLY A 4 11.15 3.64 -5.10
N LEU A 5 11.16 2.99 -3.95
CA LEU A 5 10.51 1.69 -3.84
C LEU A 5 9.49 1.70 -2.71
N ARG A 6 8.30 1.33 -2.97
CA ARG A 6 7.14 1.36 -2.10
C ARG A 6 6.47 -0.02 -2.06
N LYS A 7 6.00 -0.53 -1.06
CA LYS A 7 5.26 -1.78 -1.10
C LYS A 7 3.88 -1.42 -1.60
N MET A 8 3.47 -2.00 -2.73
CA MET A 8 2.16 -1.70 -3.26
C MET A 8 1.21 -2.86 -3.12
N ALA A 9 -0.04 -2.62 -3.48
CA ALA A 9 -1.05 -3.65 -3.45
C ALA A 9 -1.74 -3.64 -4.82
N GLN A 10 -2.51 -4.68 -5.11
CA GLN A 10 -3.24 -4.74 -6.37
C GLN A 10 -4.65 -4.35 -6.02
N PRO A 11 -5.40 -3.76 -6.97
CA PRO A 11 -6.77 -3.35 -6.75
C PRO A 11 -7.60 -4.27 -5.83
N SER A 12 -8.46 -3.64 -5.03
CA SER A 12 -9.33 -4.34 -4.09
C SER A 12 -10.73 -4.51 -4.73
N GLY A 13 -10.93 -3.85 -5.86
CA GLY A 13 -12.20 -3.93 -6.57
C GLY A 13 -12.95 -5.24 -6.46
N LEU A 14 -12.46 -6.28 -7.13
CA LEU A 14 -13.11 -7.59 -7.09
C LEU A 14 -13.43 -8.15 -5.69
N VAL A 15 -12.65 -7.86 -4.71
CA VAL A 15 -12.78 -8.50 -3.44
C VAL A 15 -13.71 -7.92 -2.46
N GLU A 16 -14.25 -6.77 -2.71
CA GLU A 16 -14.67 -5.82 -1.73
C GLU A 16 -16.08 -6.05 -1.47
N PRO A 17 -16.74 -6.73 -2.36
CA PRO A 17 -18.11 -7.01 -2.25
C PRO A 17 -18.30 -8.23 -1.54
N CYS A 18 -17.24 -8.88 -1.27
CA CYS A 18 -17.36 -10.23 -1.02
C CYS A 18 -17.29 -10.25 0.44
N ILE A 19 -17.21 -9.11 1.01
CA ILE A 19 -16.90 -9.01 2.36
C ILE A 19 -18.09 -8.62 3.13
N VAL A 20 -18.31 -9.35 4.20
CA VAL A 20 -19.53 -9.40 4.93
C VAL A 20 -19.22 -9.41 6.40
N ARG A 21 -20.23 -9.23 7.21
CA ARG A 21 -20.07 -9.26 8.62
C ARG A 21 -20.70 -10.37 9.29
N VAL A 22 -19.96 -11.02 10.13
CA VAL A 22 -20.41 -12.18 10.84
C VAL A 22 -20.36 -12.03 12.36
N SER A 23 -21.52 -12.21 12.99
CA SER A 23 -21.64 -12.37 14.39
C SER A 23 -22.18 -13.69 14.74
N TYR A 24 -21.76 -14.17 15.90
CA TYR A 24 -22.37 -15.19 16.71
C TYR A 24 -21.97 -14.72 18.06
N GLY A 25 -22.89 -14.25 18.87
CA GLY A 25 -22.57 -13.90 20.22
C GLY A 25 -22.04 -12.52 20.49
N ASN A 26 -21.23 -12.41 21.50
CA ASN A 26 -20.45 -11.22 21.75
C ASN A 26 -19.34 -11.07 20.78
N ASN A 27 -19.39 -11.82 19.71
CA ASN A 27 -18.29 -12.00 18.78
C ASN A 27 -18.68 -11.59 17.42
N VAL A 28 -17.98 -10.58 16.93
CA VAL A 28 -18.17 -10.02 15.64
C VAL A 28 -16.87 -10.02 14.95
N LEU A 29 -16.88 -10.37 13.69
CA LEU A 29 -15.81 -10.21 12.74
C LEU A 29 -16.31 -10.10 11.34
N ASN A 30 -15.47 -10.58 10.44
CA ASN A 30 -15.57 -10.37 9.02
C ASN A 30 -15.58 -11.68 8.36
N GLY A 31 -16.01 -11.70 7.15
CA GLY A 31 -16.36 -12.91 6.50
C GLY A 31 -16.25 -12.74 5.05
N LEU A 32 -16.22 -13.81 4.30
CA LEU A 32 -16.14 -13.74 2.86
C LEU A 32 -17.23 -14.41 2.18
N TRP A 33 -17.84 -13.75 1.24
CA TRP A 33 -19.04 -14.22 0.66
C TRP A 33 -18.89 -14.57 -0.78
N LEU A 34 -18.81 -15.85 -1.06
CA LEU A 34 -18.65 -16.28 -2.44
C LEU A 34 -19.77 -17.27 -2.70
N GLY A 35 -20.42 -17.16 -3.86
CA GLY A 35 -21.53 -18.05 -4.18
C GLY A 35 -22.54 -18.00 -3.06
N ASP A 36 -23.08 -19.15 -2.66
CA ASP A 36 -24.02 -19.15 -1.58
C ASP A 36 -23.33 -19.51 -0.25
N GLU A 37 -22.05 -19.18 -0.15
CA GLU A 37 -21.29 -19.48 1.05
C GLU A 37 -20.57 -18.26 1.62
N VAL A 38 -20.30 -18.33 2.92
CA VAL A 38 -19.59 -17.29 3.63
C VAL A 38 -18.52 -17.93 4.51
N ILE A 39 -17.27 -17.54 4.32
CA ILE A 39 -16.19 -18.12 5.08
C ILE A 39 -15.60 -17.09 6.05
N CYS A 40 -15.36 -17.52 7.29
CA CYS A 40 -14.80 -16.66 8.34
C CYS A 40 -14.16 -17.54 9.39
N PRO A 41 -13.27 -16.96 10.22
CA PRO A 41 -12.58 -17.72 11.29
C PRO A 41 -13.62 -18.44 12.12
N ARG A 42 -13.34 -19.69 12.48
CA ARG A 42 -14.30 -20.43 13.28
C ARG A 42 -14.22 -20.07 14.76
N HIS A 43 -13.30 -19.19 15.14
CA HIS A 43 -13.23 -18.83 16.54
C HIS A 43 -14.37 -17.86 16.85
N VAL A 44 -15.05 -17.43 15.78
CA VAL A 44 -16.19 -16.53 15.91
C VAL A 44 -17.16 -17.17 16.88
N ILE A 45 -17.29 -18.49 16.76
CA ILE A 45 -18.18 -19.31 17.59
C ILE A 45 -17.66 -19.60 18.98
N ALA A 46 -16.34 -19.66 19.14
CA ALA A 46 -15.75 -19.95 20.44
C ALA A 46 -16.38 -19.06 21.50
N SER A 47 -16.82 -19.66 22.60
CA SER A 47 -17.43 -18.84 23.66
C SER A 47 -16.44 -17.77 24.07
N ASP A 48 -15.66 -18.05 25.11
CA ASP A 48 -14.64 -17.14 25.64
C ASP A 48 -13.34 -17.28 24.85
N THR A 49 -13.07 -16.31 23.97
CA THR A 49 -11.87 -16.36 23.14
C THR A 49 -10.59 -15.92 23.83
N THR A 50 -10.59 -15.90 25.16
CA THR A 50 -9.37 -15.52 25.85
C THR A 50 -8.81 -16.71 26.60
N ARG A 51 -9.56 -17.81 26.59
CA ARG A 51 -9.16 -19.05 27.25
C ARG A 51 -9.13 -20.19 26.23
N VAL A 52 -8.39 -21.24 26.57
CA VAL A 52 -8.28 -22.42 25.71
C VAL A 52 -9.67 -22.77 25.17
N ILE A 53 -9.74 -23.17 23.91
CA ILE A 53 -11.04 -23.52 23.32
C ILE A 53 -11.18 -24.96 22.85
N ASN A 54 -12.41 -25.47 22.91
CA ASN A 54 -12.75 -26.81 22.46
C ASN A 54 -13.80 -26.63 21.37
N TYR A 55 -13.33 -26.44 20.16
CA TYR A 55 -14.20 -26.22 19.03
C TYR A 55 -15.30 -27.27 18.77
N GLU A 56 -15.11 -28.46 19.31
CA GLU A 56 -16.10 -29.50 19.10
C GLU A 56 -17.25 -29.39 20.10
N ASN A 57 -16.97 -28.87 21.29
CA ASN A 57 -18.01 -28.72 22.30
C ASN A 57 -18.81 -27.53 21.84
N GLU A 58 -18.10 -26.55 21.29
CA GLU A 58 -18.75 -25.35 20.79
C GLU A 58 -19.65 -25.76 19.63
N MET A 59 -19.09 -26.27 18.55
CA MET A 59 -19.94 -26.69 17.42
C MET A 59 -21.13 -27.54 17.89
N SER A 60 -20.91 -28.25 18.98
CA SER A 60 -21.93 -29.11 19.58
C SER A 60 -23.12 -28.32 20.09
N SER A 61 -22.91 -27.06 20.47
CA SER A 61 -24.02 -26.28 20.97
C SER A 61 -24.39 -25.12 20.03
N VAL A 62 -23.95 -25.22 18.78
CA VAL A 62 -24.26 -24.19 17.81
C VAL A 62 -25.72 -24.29 17.37
N ARG A 63 -26.28 -23.15 17.00
CA ARG A 63 -27.66 -23.10 16.53
C ARG A 63 -27.71 -21.93 15.55
N LEU A 64 -27.96 -22.26 14.29
CA LEU A 64 -28.02 -21.27 13.22
C LEU A 64 -28.65 -19.91 13.56
N HIS A 65 -29.93 -19.89 13.94
CA HIS A 65 -30.59 -18.62 14.25
C HIS A 65 -29.76 -17.74 15.18
N ASN A 66 -28.67 -18.29 15.70
CA ASN A 66 -27.82 -17.57 16.61
C ASN A 66 -26.73 -16.75 15.93
N PHE A 67 -26.57 -16.96 14.62
CA PHE A 67 -25.55 -16.24 13.87
C PHE A 67 -26.07 -14.92 13.42
N SER A 68 -25.40 -14.35 12.43
CA SER A 68 -25.77 -13.07 11.88
C SER A 68 -24.77 -12.77 10.79
N VAL A 69 -25.27 -12.58 9.59
CA VAL A 69 -24.43 -12.32 8.45
C VAL A 69 -25.09 -11.26 7.58
N SER A 70 -24.32 -10.24 7.23
CA SER A 70 -24.84 -9.16 6.45
C SER A 70 -23.80 -8.31 5.73
N LYS A 71 -24.24 -7.71 4.62
CA LYS A 71 -23.42 -6.77 3.88
C LYS A 71 -24.21 -5.49 4.02
N ASN A 72 -23.58 -4.42 4.49
CA ASN A 72 -24.28 -3.18 4.73
C ASN A 72 -25.15 -3.52 5.95
N ASN A 73 -26.45 -3.26 5.90
CA ASN A 73 -27.28 -3.61 7.04
C ASN A 73 -28.30 -4.68 6.65
N VAL A 74 -28.15 -5.16 5.42
CA VAL A 74 -29.00 -6.22 4.86
C VAL A 74 -28.50 -7.58 5.34
N PHE A 75 -29.34 -8.29 6.09
CA PHE A 75 -28.95 -9.58 6.62
C PHE A 75 -29.23 -10.79 5.73
N LEU A 76 -28.49 -11.87 5.99
CA LEU A 76 -28.63 -13.10 5.25
C LEU A 76 -29.01 -14.20 6.22
N GLY A 77 -29.72 -15.20 5.69
CA GLY A 77 -30.14 -16.30 6.53
C GLY A 77 -29.17 -17.44 6.46
N VAL A 78 -28.65 -17.84 7.61
CA VAL A 78 -27.73 -18.94 7.69
C VAL A 78 -28.57 -20.20 7.68
N VAL A 79 -28.23 -21.13 6.80
CA VAL A 79 -28.94 -22.40 6.74
C VAL A 79 -27.99 -23.56 7.03
N SER A 80 -26.73 -23.23 7.31
CA SER A 80 -25.72 -24.27 7.58
C SER A 80 -24.40 -23.66 8.02
N ALA A 81 -23.70 -24.34 8.91
CA ALA A 81 -22.41 -23.88 9.42
C ALA A 81 -21.52 -25.10 9.63
N ARG A 82 -20.21 -24.97 9.41
CA ARG A 82 -19.33 -26.12 9.62
C ARG A 82 -17.85 -25.84 9.72
N TYR A 83 -17.11 -26.84 10.19
CA TYR A 83 -15.68 -26.71 10.31
C TYR A 83 -15.07 -27.35 9.10
N LYS A 84 -14.01 -26.73 8.63
CA LYS A 84 -13.18 -27.23 7.55
C LYS A 84 -11.91 -26.67 8.13
N GLY A 85 -11.23 -27.48 8.93
CA GLY A 85 -10.03 -26.99 9.55
C GLY A 85 -10.41 -25.85 10.50
N VAL A 86 -9.75 -24.71 10.33
CA VAL A 86 -9.99 -23.54 11.16
C VAL A 86 -10.90 -22.49 10.52
N ASN A 87 -11.38 -22.75 9.30
CA ASN A 87 -12.27 -21.80 8.60
C ASN A 87 -13.75 -22.23 8.75
N LEU A 88 -14.57 -21.38 9.33
CA LEU A 88 -15.98 -21.71 9.48
C LEU A 88 -16.71 -21.44 8.18
N VAL A 89 -17.25 -22.47 7.56
CA VAL A 89 -17.99 -22.28 6.32
C VAL A 89 -19.47 -22.24 6.67
N LEU A 90 -20.15 -21.25 6.11
CA LEU A 90 -21.57 -21.04 6.35
C LEU A 90 -22.42 -20.94 5.08
N LYS A 91 -23.40 -21.82 4.97
CA LYS A 91 -24.30 -21.81 3.82
C LYS A 91 -25.39 -20.79 4.14
N VAL A 92 -25.74 -19.95 3.17
CA VAL A 92 -26.78 -18.96 3.41
C VAL A 92 -27.80 -18.99 2.31
N ASN A 93 -28.99 -18.47 2.62
CA ASN A 93 -30.11 -18.43 1.71
C ASN A 93 -29.92 -17.60 0.43
N GLN A 94 -28.76 -16.96 0.30
CA GLN A 94 -28.55 -16.14 -0.87
C GLN A 94 -27.18 -16.23 -1.53
N VAL A 95 -27.19 -16.24 -2.85
CA VAL A 95 -25.96 -16.31 -3.63
C VAL A 95 -25.49 -14.89 -3.85
N ASN A 96 -24.21 -14.64 -3.59
CA ASN A 96 -23.65 -13.32 -3.80
C ASN A 96 -23.65 -13.09 -5.30
N PRO A 97 -24.48 -12.14 -5.77
CA PRO A 97 -24.55 -11.84 -7.20
C PRO A 97 -23.26 -11.19 -7.66
N ASN A 98 -22.42 -10.82 -6.70
CA ASN A 98 -21.17 -10.17 -7.02
C ASN A 98 -19.97 -11.07 -6.87
N THR A 99 -20.21 -12.37 -6.90
CA THR A 99 -19.09 -13.30 -6.81
C THR A 99 -18.27 -13.10 -8.07
N PRO A 100 -16.94 -13.02 -7.92
CA PRO A 100 -16.01 -12.83 -9.03
C PRO A 100 -15.37 -14.15 -9.41
N GLU A 101 -15.06 -14.32 -10.69
CA GLU A 101 -14.41 -15.54 -11.12
C GLU A 101 -13.19 -15.70 -10.21
N HIS A 102 -13.15 -16.77 -9.43
CA HIS A 102 -12.02 -16.93 -8.53
C HIS A 102 -11.55 -18.36 -8.35
N LYS A 103 -10.28 -18.49 -7.98
CA LYS A 103 -9.68 -19.79 -7.70
C LYS A 103 -9.07 -19.64 -6.30
N PHE A 104 -8.61 -20.72 -5.72
CA PHE A 104 -8.01 -20.67 -4.40
C PHE A 104 -6.59 -21.10 -4.56
N LYS A 105 -5.77 -20.85 -3.55
CA LYS A 105 -4.37 -21.23 -3.61
C LYS A 105 -3.63 -20.93 -2.29
N SER A 106 -2.43 -21.47 -2.17
CA SER A 106 -1.62 -21.27 -0.98
C SER A 106 -0.37 -20.43 -1.30
N ILE A 107 0.00 -19.56 -0.38
CA ILE A 107 1.18 -18.72 -0.56
C ILE A 107 2.41 -19.42 0.05
N LYS A 108 3.56 -19.30 -0.59
CA LYS A 108 4.77 -19.91 -0.08
C LYS A 108 5.64 -18.84 0.58
N ALA A 109 6.67 -19.27 1.29
CA ALA A 109 7.57 -18.34 1.95
C ALA A 109 8.15 -17.39 0.90
N GLY A 110 8.49 -16.18 1.33
CA GLY A 110 9.05 -15.21 0.40
C GLY A 110 8.06 -14.59 -0.58
N GLU A 111 6.87 -15.18 -0.73
CA GLU A 111 5.90 -14.65 -1.66
C GLU A 111 5.05 -13.51 -1.10
N SER A 112 4.77 -12.54 -1.95
CA SER A 112 3.99 -11.37 -1.56
C SER A 112 2.55 -11.52 -1.97
N PHE A 113 1.67 -10.80 -1.27
CA PHE A 113 0.26 -10.79 -1.59
C PHE A 113 -0.48 -9.60 -0.97
N ASN A 114 -1.67 -9.32 -1.50
CA ASN A 114 -2.46 -8.20 -0.99
C ASN A 114 -3.35 -8.57 0.18
N ILE A 115 -3.62 -7.60 1.04
CA ILE A 115 -4.44 -7.75 2.22
C ILE A 115 -5.51 -6.67 2.25
N LEU A 116 -6.72 -7.04 2.64
CA LEU A 116 -7.77 -6.05 2.76
C LEU A 116 -8.15 -6.11 4.21
N ALA A 117 -7.52 -5.25 5.02
CA ALA A 117 -7.84 -5.20 6.45
C ALA A 117 -9.28 -4.68 6.53
N CYS A 118 -10.16 -5.47 7.15
CA CYS A 118 -11.56 -5.10 7.28
C CYS A 118 -12.00 -5.01 8.72
N TYR A 119 -13.02 -4.20 8.95
CA TYR A 119 -13.58 -4.03 10.28
C TYR A 119 -15.09 -4.22 10.26
N GLU A 120 -15.55 -5.14 11.09
CA GLU A 120 -16.96 -5.47 11.20
C GLU A 120 -17.76 -5.42 9.89
N GLY A 121 -17.18 -5.96 8.83
CA GLY A 121 -17.88 -6.01 7.58
C GLY A 121 -17.48 -5.05 6.50
N CYS A 122 -16.83 -3.95 6.87
CA CYS A 122 -16.44 -2.97 5.88
C CYS A 122 -14.97 -2.96 5.54
N PRO A 123 -14.65 -2.97 4.23
CA PRO A 123 -13.26 -2.96 3.77
C PRO A 123 -12.67 -1.59 4.12
N GLY A 124 -11.55 -1.57 4.86
CA GLY A 124 -10.95 -0.32 5.27
C GLY A 124 -9.55 0.03 4.79
N SER A 125 -8.90 -0.83 4.02
CA SER A 125 -7.56 -0.51 3.56
C SER A 125 -6.96 -1.66 2.77
N VAL A 126 -5.97 -1.35 1.95
CA VAL A 126 -5.29 -2.34 1.13
C VAL A 126 -3.81 -2.11 1.21
N TYR A 127 -3.08 -3.20 1.36
CA TYR A 127 -1.65 -3.09 1.45
C TYR A 127 -1.01 -4.42 1.14
N GLY A 128 0.19 -4.38 0.56
CA GLY A 128 0.89 -5.59 0.23
C GLY A 128 1.66 -6.09 1.45
N VAL A 129 1.92 -7.39 1.47
CA VAL A 129 2.67 -8.02 2.55
C VAL A 129 3.58 -9.07 1.94
N ASN A 130 4.32 -9.78 2.79
CA ASN A 130 5.24 -10.84 2.39
C ASN A 130 5.23 -11.97 3.42
N MET A 131 5.18 -13.22 2.95
CA MET A 131 5.15 -14.40 3.80
C MET A 131 6.52 -14.70 4.38
N ARG A 132 6.63 -14.70 5.70
CA ARG A 132 7.90 -14.95 6.34
C ARG A 132 8.21 -16.45 6.45
N SER A 133 9.51 -16.75 6.57
CA SER A 133 9.98 -18.13 6.66
C SER A 133 9.10 -18.99 7.54
N GLN A 134 8.67 -18.46 8.69
CA GLN A 134 7.86 -19.23 9.61
C GLN A 134 6.36 -19.30 9.32
N GLY A 135 5.95 -18.82 8.14
CA GLY A 135 4.55 -18.86 7.79
C GLY A 135 3.69 -17.78 8.42
N THR A 136 4.32 -16.71 8.89
CA THR A 136 3.59 -15.62 9.48
C THR A 136 3.81 -14.40 8.61
N ILE A 137 3.19 -13.28 8.96
CA ILE A 137 3.35 -12.06 8.21
C ILE A 137 3.23 -10.90 9.16
N LYS A 138 3.64 -9.72 8.71
CA LYS A 138 3.52 -8.54 9.53
C LYS A 138 2.34 -7.80 8.97
N GLY A 139 1.15 -8.36 9.17
CA GLY A 139 -0.05 -7.70 8.68
C GLY A 139 -0.22 -6.65 9.74
N SER A 140 -0.65 -5.44 9.39
CA SER A 140 -0.79 -4.45 10.43
C SER A 140 -2.14 -4.68 11.08
N PHE A 141 -2.29 -5.90 11.59
CA PHE A 141 -3.54 -6.31 12.22
C PHE A 141 -3.73 -5.96 13.66
N ILE A 142 -4.91 -5.39 13.86
CA ILE A 142 -5.44 -4.90 15.10
C ILE A 142 -6.60 -5.77 15.56
N ALA A 143 -7.35 -5.21 16.49
CA ALA A 143 -8.54 -5.81 17.03
C ALA A 143 -9.64 -5.53 16.02
N GLY A 144 -10.53 -6.50 15.83
CA GLY A 144 -11.62 -6.35 14.89
C GLY A 144 -11.24 -6.58 13.44
N THR A 145 -10.02 -7.02 13.18
CA THR A 145 -9.63 -7.26 11.79
C THR A 145 -9.76 -8.71 11.43
N CYS A 146 -9.86 -9.57 12.47
CA CYS A 146 -10.09 -10.96 12.12
C CYS A 146 -11.05 -11.11 10.98
N GLY A 147 -10.68 -12.10 10.08
CA GLY A 147 -11.55 -12.39 8.96
C GLY A 147 -11.03 -11.62 7.76
N SER A 148 -9.97 -10.85 7.98
CA SER A 148 -9.39 -10.09 6.88
C SER A 148 -8.89 -11.08 5.82
N VAL A 149 -9.19 -10.75 4.57
CA VAL A 149 -8.84 -11.59 3.45
C VAL A 149 -7.55 -11.24 2.70
N GLY A 150 -6.81 -12.28 2.30
CA GLY A 150 -5.60 -12.10 1.54
C GLY A 150 -5.90 -12.62 0.14
N TYR A 151 -5.19 -12.12 -0.86
CA TYR A 151 -5.46 -12.57 -2.23
C TYR A 151 -4.39 -12.09 -3.19
N VAL A 152 -4.33 -12.73 -4.36
CA VAL A 152 -3.37 -12.36 -5.41
C VAL A 152 -4.02 -12.43 -6.80
N LEU A 153 -3.38 -11.82 -7.79
CA LEU A 153 -3.86 -11.82 -9.18
C LEU A 153 -2.71 -12.20 -10.12
N GLU A 154 -2.90 -13.26 -10.88
CA GLU A 154 -1.89 -13.73 -11.83
C GLU A 154 -2.55 -13.98 -13.17
N ASN A 155 -2.02 -13.39 -14.23
CA ASN A 155 -2.59 -13.62 -15.55
C ASN A 155 -4.03 -13.11 -15.66
N GLY A 156 -4.59 -12.68 -14.54
CA GLY A 156 -5.94 -12.18 -14.57
C GLY A 156 -6.86 -13.14 -13.84
N ILE A 157 -6.26 -14.02 -13.05
CA ILE A 157 -7.03 -14.97 -12.27
C ILE A 157 -6.95 -14.50 -10.81
N LEU A 158 -8.10 -14.41 -10.15
CA LEU A 158 -8.13 -13.96 -8.77
C LEU A 158 -7.97 -15.13 -7.83
N TYR A 159 -6.99 -15.03 -6.94
CA TYR A 159 -6.75 -16.09 -5.98
C TYR A 159 -6.95 -15.66 -4.54
N PHE A 160 -7.82 -16.36 -3.82
CA PHE A 160 -8.02 -16.04 -2.41
C PHE A 160 -7.02 -16.96 -1.69
N VAL A 161 -6.21 -16.38 -0.82
CA VAL A 161 -5.20 -17.18 -0.16
C VAL A 161 -4.96 -16.94 1.32
N TYR A 162 -5.72 -16.04 1.93
CA TYR A 162 -5.47 -15.75 3.34
C TYR A 162 -6.67 -15.18 4.07
N MET A 163 -6.79 -15.57 5.34
CA MET A 163 -7.84 -15.09 6.22
C MET A 163 -7.18 -14.94 7.57
N HIS A 164 -7.62 -14.09 8.09
CA HIS A 164 -6.96 -13.88 9.37
C HIS A 164 -7.64 -14.46 10.61
N HIS A 165 -6.64 -14.63 11.72
CA HIS A 165 -7.12 -15.26 12.94
C HIS A 165 -6.55 -14.71 14.24
N LEU A 166 -5.23 -14.58 14.29
CA LEU A 166 -4.56 -14.15 15.50
C LEU A 166 -3.17 -13.53 15.34
N GLU A 167 -2.69 -12.94 16.43
CA GLU A 167 -1.37 -12.30 16.49
C GLU A 167 -0.50 -13.00 17.54
N LEU A 168 0.70 -13.42 17.16
CA LEU A 168 1.56 -14.09 18.13
C LEU A 168 2.05 -13.15 19.22
N GLY A 169 2.55 -13.74 20.32
CA GLY A 169 3.04 -12.93 21.42
C GLY A 169 4.19 -12.03 21.01
N ASN A 170 4.77 -12.30 19.84
CA ASN A 170 5.90 -11.50 19.36
C ASN A 170 5.43 -10.49 18.33
N GLY A 171 4.11 -10.32 18.21
CA GLY A 171 3.58 -9.35 17.27
C GLY A 171 3.25 -9.82 15.86
N SER A 172 3.90 -10.89 15.41
CA SER A 172 3.67 -11.43 14.09
C SER A 172 2.20 -11.77 13.90
N HIS A 173 1.78 -12.07 12.68
CA HIS A 173 0.39 -12.40 12.41
C HIS A 173 0.18 -13.72 11.66
N VAL A 174 -0.75 -14.50 12.19
CA VAL A 174 -1.07 -15.81 11.67
C VAL A 174 -2.47 -15.85 11.11
N GLY A 175 -2.63 -16.57 10.00
CA GLY A 175 -3.92 -16.73 9.36
C GLY A 175 -4.03 -18.12 8.76
N SER A 176 -4.97 -18.31 7.85
CA SER A 176 -5.18 -19.62 7.25
C SER A 176 -5.46 -19.51 5.77
N ASN A 177 -5.18 -20.61 5.07
CA ASN A 177 -5.45 -20.73 3.65
C ASN A 177 -6.92 -21.15 3.57
N PHE A 178 -7.50 -21.15 2.39
CA PHE A 178 -8.89 -21.55 2.30
C PHE A 178 -9.12 -23.04 2.27
N GLU A 179 -8.08 -23.76 2.67
CA GLU A 179 -8.12 -25.21 2.74
C GLU A 179 -8.44 -25.51 4.20
N GLY A 180 -8.49 -24.45 5.01
CA GLY A 180 -8.78 -24.59 6.42
C GLY A 180 -7.51 -24.79 7.21
N GLU A 181 -6.38 -24.70 6.51
CA GLU A 181 -5.09 -24.88 7.16
C GLU A 181 -4.49 -23.57 7.69
N MET A 182 -3.97 -23.65 8.91
CA MET A 182 -3.35 -22.49 9.52
C MET A 182 -1.91 -22.42 9.03
N TYR A 183 -1.54 -21.32 8.39
CA TYR A 183 -0.18 -21.20 7.92
C TYR A 183 0.74 -21.33 9.11
N GLY A 184 1.81 -22.12 8.96
CA GLY A 184 2.75 -22.26 10.04
C GLY A 184 2.41 -23.41 10.95
N GLY A 185 1.20 -23.94 10.80
CA GLY A 185 0.80 -25.03 11.65
C GLY A 185 0.47 -24.50 13.02
N TYR A 186 0.19 -23.21 13.08
CA TYR A 186 -0.17 -22.57 14.32
C TYR A 186 -1.60 -22.97 14.61
N GLU A 187 -2.10 -22.59 15.77
CA GLU A 187 -3.44 -22.95 16.14
C GLU A 187 -4.22 -21.78 16.72
N ASP A 188 -5.52 -21.78 16.44
CA ASP A 188 -6.42 -20.73 16.90
C ASP A 188 -6.71 -20.86 18.40
N GLN A 189 -5.65 -21.05 19.18
CA GLN A 189 -5.74 -21.17 20.64
C GLN A 189 -4.97 -20.04 21.29
N PRO A 190 -5.55 -19.44 22.35
CA PRO A 190 -4.88 -18.33 23.05
C PRO A 190 -3.73 -18.91 23.87
N SER A 191 -2.91 -19.74 23.23
CA SER A 191 -1.81 -20.39 23.91
C SER A 191 -0.51 -19.76 23.47
N MET A 192 0.50 -19.89 24.33
CA MET A 192 1.83 -19.35 24.05
C MET A 192 2.53 -20.17 22.98
N GLN A 193 2.60 -19.62 21.78
CA GLN A 193 3.24 -20.27 20.65
C GLN A 193 4.34 -19.35 20.17
N LEU A 194 5.57 -19.86 20.14
CA LEU A 194 6.70 -19.06 19.68
C LEU A 194 6.72 -19.09 18.14
N GLU A 195 7.62 -18.34 17.53
CA GLU A 195 7.68 -18.36 16.08
C GLU A 195 8.95 -19.08 15.61
N GLY A 196 10.06 -18.78 16.26
CA GLY A 196 11.32 -19.38 15.85
C GLY A 196 12.02 -18.34 14.99
N THR A 197 13.30 -18.13 15.27
CA THR A 197 14.11 -17.14 14.55
C THR A 197 13.77 -17.10 13.05
N ASN A 198 13.62 -15.88 12.52
CA ASN A 198 13.25 -15.67 11.12
C ASN A 198 14.37 -15.90 10.11
N VAL A 199 14.03 -16.47 8.96
CA VAL A 199 14.98 -16.74 7.89
C VAL A 199 14.67 -15.86 6.68
N MET A 200 15.51 -14.86 6.45
CA MET A 200 15.34 -13.92 5.33
C MET A 200 15.31 -14.54 3.94
N SER A 201 14.66 -13.85 3.01
CA SER A 201 14.54 -14.30 1.63
C SER A 201 15.66 -13.73 0.76
N SER A 202 16.63 -14.56 0.42
CA SER A 202 17.75 -14.10 -0.38
C SER A 202 17.36 -13.51 -1.74
N ASP A 203 16.39 -14.14 -2.41
CA ASP A 203 15.94 -13.62 -3.70
C ASP A 203 15.40 -12.22 -3.50
N ASN A 204 14.44 -12.08 -2.60
CA ASN A 204 13.83 -10.79 -2.31
C ASN A 204 14.84 -9.71 -1.89
N VAL A 205 15.82 -10.06 -1.08
CA VAL A 205 16.82 -9.08 -0.67
C VAL A 205 17.66 -8.60 -1.89
N VAL A 206 17.95 -9.51 -2.82
CA VAL A 206 18.70 -9.13 -3.99
C VAL A 206 17.84 -8.18 -4.81
N ALA A 207 16.56 -8.52 -4.97
CA ALA A 207 15.64 -7.66 -5.72
C ALA A 207 15.71 -6.25 -5.12
N PHE A 208 15.67 -6.18 -3.80
CA PHE A 208 15.73 -4.95 -3.05
C PHE A 208 16.98 -4.15 -3.41
N LEU A 209 18.14 -4.77 -3.35
CA LEU A 209 19.36 -4.05 -3.68
C LEU A 209 19.32 -3.57 -5.13
N TYR A 210 18.75 -4.37 -6.03
CA TYR A 210 18.67 -3.95 -7.43
C TYR A 210 17.82 -2.71 -7.51
N ALA A 211 16.72 -2.71 -6.77
CA ALA A 211 15.84 -1.55 -6.77
C ALA A 211 16.70 -0.34 -6.39
N ALA A 212 17.31 -0.38 -5.22
CA ALA A 212 18.15 0.72 -4.76
C ALA A 212 19.05 1.23 -5.89
N LEU A 213 19.76 0.31 -6.55
CA LEU A 213 20.64 0.72 -7.64
C LEU A 213 19.87 1.46 -8.70
N ILE A 214 18.70 0.93 -9.05
CA ILE A 214 17.88 1.57 -10.06
C ILE A 214 17.38 2.92 -9.53
N ASN A 215 17.17 3.02 -8.23
CA ASN A 215 16.72 4.27 -7.63
C ASN A 215 17.90 5.19 -7.38
N GLY A 216 19.01 4.86 -8.04
CA GLY A 216 20.23 5.65 -7.94
C GLY A 216 21.05 5.65 -6.68
N GLU A 217 21.17 4.51 -6.00
CA GLU A 217 21.98 4.46 -4.77
C GLU A 217 23.20 3.60 -5.05
N ARG A 218 24.34 3.98 -4.47
CA ARG A 218 25.55 3.22 -4.75
C ARG A 218 26.56 3.03 -3.64
N TRP A 219 26.57 3.90 -2.64
CA TRP A 219 27.56 3.77 -1.58
C TRP A 219 27.94 2.34 -1.27
N PHE A 220 26.95 1.48 -1.05
CA PHE A 220 27.21 0.10 -0.74
C PHE A 220 27.83 -0.67 -1.90
N VAL A 221 28.28 0.04 -2.92
CA VAL A 221 28.89 -0.63 -4.06
C VAL A 221 30.40 -0.64 -3.96
N THR A 222 30.96 -1.84 -4.13
CA THR A 222 32.38 -2.06 -4.10
C THR A 222 32.68 -3.00 -5.28
N ASN A 223 33.96 -3.20 -5.56
CA ASN A 223 34.38 -4.10 -6.62
C ASN A 223 34.79 -5.36 -5.89
N THR A 224 33.76 -6.13 -5.55
CA THR A 224 33.88 -7.38 -4.81
C THR A 224 32.81 -8.28 -5.39
N SER A 225 32.92 -9.58 -5.15
CA SER A 225 31.96 -10.53 -5.66
C SER A 225 32.09 -11.87 -4.93
N MET A 226 30.96 -12.49 -4.60
CA MET A 226 30.92 -13.76 -3.90
C MET A 226 30.21 -14.77 -4.82
N SER A 227 30.88 -15.87 -5.17
CA SER A 227 30.28 -16.86 -6.05
C SER A 227 29.04 -17.46 -5.42
N LEU A 228 28.18 -18.04 -6.26
CA LEU A 228 26.95 -18.64 -5.79
C LEU A 228 27.13 -19.61 -4.60
N GLU A 229 27.80 -20.74 -4.83
CA GLU A 229 28.01 -21.73 -3.76
C GLU A 229 28.52 -21.11 -2.47
N SER A 230 29.40 -20.13 -2.62
CA SER A 230 30.00 -19.43 -1.51
C SER A 230 28.94 -18.71 -0.68
N TYR A 231 28.03 -18.03 -1.37
CA TYR A 231 26.96 -17.30 -0.71
C TYR A 231 25.99 -18.19 0.05
N ASN A 232 25.60 -19.28 -0.58
CA ASN A 232 24.67 -20.24 -0.02
C ASN A 232 25.18 -20.96 1.23
N THR A 233 26.49 -21.10 1.36
CA THR A 233 27.01 -21.75 2.53
C THR A 233 26.90 -20.71 3.65
N TRP A 234 27.22 -19.46 3.31
CA TRP A 234 27.14 -18.38 4.27
C TRP A 234 25.71 -18.28 4.80
N ALA A 235 24.77 -18.34 3.85
CA ALA A 235 23.35 -18.19 4.13
C ALA A 235 22.81 -19.22 5.08
N LYS A 236 23.07 -20.48 4.75
CA LYS A 236 22.58 -21.60 5.53
C LYS A 236 22.98 -21.57 7.00
N THR A 237 23.92 -20.70 7.35
CA THR A 237 24.37 -20.57 8.73
C THR A 237 24.11 -19.14 9.21
N ASN A 238 23.54 -18.31 8.33
CA ASN A 238 23.25 -16.90 8.67
C ASN A 238 21.78 -16.47 8.60
N SER A 239 20.87 -17.44 8.50
CA SER A 239 19.45 -17.15 8.47
C SER A 239 18.96 -16.46 7.19
N PHE A 240 19.57 -16.85 6.08
CA PHE A 240 19.16 -16.35 4.78
C PHE A 240 18.90 -17.59 3.99
N THR A 241 17.92 -17.52 3.10
CA THR A 241 17.57 -18.68 2.31
C THR A 241 18.57 -18.99 1.24
N GLU A 242 18.65 -20.25 0.87
CA GLU A 242 19.54 -20.69 -0.18
C GLU A 242 19.06 -19.92 -1.41
N LEU A 243 19.98 -19.35 -2.17
CA LEU A 243 19.59 -18.67 -3.40
C LEU A 243 20.03 -19.69 -4.44
N SER A 244 19.09 -20.40 -5.03
CA SER A 244 19.44 -21.44 -5.98
C SER A 244 19.50 -21.07 -7.46
N SER A 245 19.27 -19.81 -7.80
CA SER A 245 19.30 -19.40 -9.21
C SER A 245 19.40 -17.89 -9.46
N THR A 246 20.51 -17.45 -10.04
CA THR A 246 20.71 -16.04 -10.35
C THR A 246 19.92 -15.78 -11.62
N ASP A 247 19.44 -16.88 -12.20
CA ASP A 247 18.66 -16.85 -13.44
C ASP A 247 17.48 -15.86 -13.34
N ALA A 248 16.82 -15.82 -12.19
CA ALA A 248 15.68 -14.92 -12.00
C ALA A 248 16.07 -13.45 -12.11
N PHE A 249 17.42 -13.24 -11.94
CA PHE A 249 17.93 -11.87 -11.98
C PHE A 249 18.53 -11.32 -13.27
N SER A 250 18.39 -11.96 -14.34
CA SER A 250 18.93 -11.51 -15.61
C SER A 250 18.44 -10.16 -16.05
N MET A 251 17.12 -9.97 -16.05
CA MET A 251 16.54 -8.70 -16.42
C MET A 251 17.23 -7.56 -15.66
N LEU A 252 17.06 -7.53 -14.34
CA LEU A 252 17.65 -6.49 -13.53
C LEU A 252 19.16 -6.38 -13.74
N ALA A 253 19.83 -7.52 -13.83
CA ALA A 253 21.29 -7.53 -14.02
C ALA A 253 21.73 -6.71 -15.23
N ALA A 254 21.10 -6.98 -16.36
CA ALA A 254 21.40 -6.32 -17.62
C ALA A 254 21.04 -4.86 -17.60
N LYS A 255 20.07 -4.50 -16.76
CA LYS A 255 19.61 -3.12 -16.68
C LYS A 255 20.46 -2.26 -15.74
N THR A 256 21.20 -2.88 -14.84
CA THR A 256 22.02 -2.13 -13.91
C THR A 256 23.51 -2.35 -14.09
N GLY A 257 23.77 -3.46 -14.72
CA GLY A 257 25.17 -3.71 -15.04
C GLY A 257 25.89 -4.51 -13.97
N GLN A 258 25.13 -4.72 -12.91
CA GLN A 258 25.63 -5.48 -11.78
C GLN A 258 25.01 -6.87 -11.72
N SER A 259 25.83 -7.83 -11.34
CA SER A 259 25.38 -9.20 -11.27
C SER A 259 25.04 -9.64 -9.86
N VAL A 260 24.18 -10.64 -9.80
CA VAL A 260 23.72 -11.22 -8.54
C VAL A 260 24.90 -11.44 -7.61
N GLU A 261 25.98 -12.02 -8.16
CA GLU A 261 27.17 -12.27 -7.38
C GLU A 261 27.77 -11.01 -6.79
N LYS A 262 27.70 -9.90 -7.49
CA LYS A 262 28.24 -8.66 -6.92
C LYS A 262 27.38 -8.29 -5.71
N LEU A 263 26.12 -8.27 -5.80
CA LEU A 263 25.09 -7.98 -4.81
C LEU A 263 25.04 -9.02 -3.73
N LEU A 264 25.51 -10.22 -4.03
CA LEU A 264 25.52 -11.25 -3.00
C LEU A 264 26.46 -10.83 -1.87
N ASP A 265 27.77 -10.41 -2.42
CA ASP A 265 28.80 -9.99 -1.47
C ASP A 265 28.32 -8.77 -0.71
N SER A 266 27.56 -7.93 -1.39
CA SER A 266 26.99 -6.72 -0.79
C SER A 266 26.22 -7.13 0.46
N ILE A 267 25.42 -8.19 0.32
CA ILE A 267 24.61 -8.71 1.41
C ILE A 267 25.47 -9.11 2.60
N VAL A 268 26.42 -10.01 2.39
CA VAL A 268 27.25 -10.47 3.50
C VAL A 268 27.84 -9.30 4.24
N ARG A 269 28.25 -8.29 3.47
CA ARG A 269 28.82 -7.09 4.02
C ARG A 269 27.76 -6.28 4.77
N LEU A 270 26.75 -5.83 4.05
CA LEU A 270 25.68 -5.03 4.64
C LEU A 270 24.95 -5.71 5.79
N ASN A 271 24.91 -7.04 5.79
CA ASN A 271 24.18 -7.72 6.84
C ASN A 271 24.71 -7.36 8.22
N LYS A 272 25.91 -6.79 8.25
CA LYS A 272 26.55 -6.36 9.47
C LYS A 272 26.10 -4.93 9.78
N GLY A 273 24.84 -4.63 9.49
CA GLY A 273 24.31 -3.30 9.74
C GLY A 273 24.79 -2.30 8.72
N PHE A 274 23.93 -1.35 8.32
CA PHE A 274 24.31 -0.35 7.34
C PHE A 274 25.34 0.64 7.88
N GLY A 275 25.81 0.35 9.10
CA GLY A 275 26.83 1.17 9.73
C GLY A 275 26.42 2.63 9.94
N GLY A 276 25.13 2.88 9.93
CA GLY A 276 24.68 4.25 10.10
C GLY A 276 23.96 4.84 8.92
N ARG A 277 24.30 4.42 7.71
CA ARG A 277 23.61 4.94 6.54
C ARG A 277 22.29 4.20 6.41
N THR A 278 21.54 4.51 5.36
CA THR A 278 20.27 3.86 5.14
C THR A 278 20.25 3.40 3.68
N ILE A 279 19.31 2.52 3.35
CA ILE A 279 19.16 2.03 1.98
C ILE A 279 17.68 2.08 1.64
N LEU A 280 17.32 2.90 0.65
CA LEU A 280 15.92 3.03 0.31
C LEU A 280 15.17 3.39 1.57
N SER A 281 15.80 4.23 2.37
CA SER A 281 15.27 4.74 3.62
C SER A 281 15.27 3.75 4.77
N TYR A 282 15.47 2.46 4.49
CA TYR A 282 15.48 1.47 5.56
C TYR A 282 16.84 1.47 6.27
N GLY A 283 16.81 1.07 7.53
CA GLY A 283 18.03 1.04 8.32
C GLY A 283 18.75 -0.28 8.23
N SER A 284 18.08 -1.29 7.71
CA SER A 284 18.67 -2.60 7.54
C SER A 284 18.07 -3.31 6.32
N LEU A 285 18.48 -4.55 6.06
CA LEU A 285 18.01 -5.28 4.89
C LEU A 285 16.55 -5.67 4.86
N CYS A 286 15.95 -5.53 3.67
CA CYS A 286 14.56 -5.84 3.48
C CYS A 286 14.40 -7.03 2.55
N ASP A 287 13.44 -7.90 2.83
CA ASP A 287 13.21 -9.07 1.97
C ASP A 287 11.73 -9.22 1.66
N GLU A 288 10.98 -8.14 1.86
CA GLU A 288 9.55 -8.18 1.61
C GLU A 288 9.17 -7.80 0.19
N PHE A 289 10.18 -7.76 -0.69
CA PHE A 289 9.98 -7.44 -2.10
C PHE A 289 10.55 -8.55 -3.01
N THR A 290 9.68 -9.28 -3.68
CA THR A 290 10.11 -10.35 -4.58
C THR A 290 10.72 -9.73 -5.81
N PRO A 291 11.47 -10.54 -6.57
CA PRO A 291 12.10 -10.02 -7.79
C PRO A 291 10.99 -9.55 -8.73
N THR A 292 9.94 -10.34 -8.81
CA THR A 292 8.79 -10.07 -9.65
C THR A 292 8.26 -8.64 -9.45
N GLU A 293 8.06 -8.26 -8.19
CA GLU A 293 7.56 -6.93 -7.87
C GLU A 293 8.51 -5.84 -8.33
N VAL A 294 9.79 -5.98 -8.00
CA VAL A 294 10.80 -4.98 -8.35
C VAL A 294 10.89 -4.73 -9.85
N ILE A 295 10.92 -5.81 -10.62
CA ILE A 295 10.97 -5.70 -12.07
C ILE A 295 9.70 -4.96 -12.48
N ARG A 296 8.57 -5.66 -12.45
CA ARG A 296 7.31 -5.06 -12.80
C ARG A 296 7.24 -3.59 -12.32
N GLN A 297 7.66 -3.35 -11.08
CA GLN A 297 7.59 -2.03 -10.49
C GLN A 297 8.61 -1.02 -10.98
N MET A 298 9.80 -1.48 -11.32
CA MET A 298 10.81 -0.57 -11.83
C MET A 298 10.87 -0.68 -13.35
N TYR A 299 11.94 -0.15 -13.94
CA TYR A 299 12.09 -0.22 -15.39
C TYR A 299 11.92 -1.64 -15.89
N GLY A 300 10.77 -1.87 -16.51
CA GLY A 300 10.43 -3.16 -17.06
C GLY A 300 8.93 -3.28 -17.20
N VAL A 301 8.44 -4.52 -17.27
CA VAL A 301 7.01 -4.78 -17.41
C VAL A 301 6.21 -4.40 -16.17
N SER B 3 3.50 -4.80 14.40
CA SER B 3 4.14 -5.01 13.12
C SER B 3 5.17 -3.97 12.76
N GLY B 4 4.79 -3.12 11.86
CA GLY B 4 5.39 -1.86 11.87
C GLY B 4 4.46 -0.75 11.99
N LEU B 5 4.79 0.30 11.30
CA LEU B 5 3.86 1.04 10.59
C LEU B 5 4.13 1.06 9.10
N ARG B 6 3.09 0.75 8.36
CA ARG B 6 3.14 0.57 6.96
C ARG B 6 2.21 1.41 6.27
N LYS B 7 2.57 1.85 5.13
CA LYS B 7 1.77 2.73 4.44
C LYS B 7 0.68 2.08 3.66
N MET B 8 -0.52 2.11 4.21
CA MET B 8 -1.72 1.62 3.60
C MET B 8 -2.41 2.47 2.58
N ALA B 9 -3.40 1.92 1.97
CA ALA B 9 -4.21 2.62 1.08
C ALA B 9 -5.63 2.30 1.35
N GLN B 10 -6.50 3.20 1.07
CA GLN B 10 -7.82 3.00 1.38
C GLN B 10 -8.22 2.31 0.17
N PRO B 11 -9.34 1.62 0.20
CA PRO B 11 -9.80 0.85 -0.90
C PRO B 11 -10.27 1.53 -2.12
N SER B 12 -10.26 0.78 -3.20
CA SER B 12 -10.12 1.21 -4.57
C SER B 12 -11.27 0.84 -5.43
N GLY B 13 -12.08 -0.09 -4.99
CA GLY B 13 -13.19 -0.63 -5.76
C GLY B 13 -14.10 0.46 -6.32
N LEU B 14 -14.25 1.55 -5.56
CA LEU B 14 -15.08 2.70 -5.97
C LEU B 14 -14.50 3.51 -7.13
N VAL B 15 -13.20 3.36 -7.39
CA VAL B 15 -12.53 4.10 -8.47
C VAL B 15 -12.35 3.32 -9.76
N GLU B 16 -11.97 2.06 -9.62
CA GLU B 16 -11.71 1.16 -10.75
C GLU B 16 -12.68 1.20 -11.93
N PRO B 17 -13.99 1.36 -11.66
CA PRO B 17 -14.92 1.39 -12.81
C PRO B 17 -14.82 2.68 -13.60
N CYS B 18 -14.53 3.77 -12.91
CA CYS B 18 -14.44 5.07 -13.55
C CYS B 18 -13.18 5.28 -14.38
N ILE B 19 -12.30 4.29 -14.46
CA ILE B 19 -11.04 4.44 -15.20
C ILE B 19 -11.08 3.91 -16.63
N VAL B 20 -10.51 4.65 -17.57
CA VAL B 20 -10.56 4.24 -18.98
C VAL B 20 -9.26 4.37 -19.76
N ARG B 21 -9.28 3.95 -21.02
CA ARG B 21 -8.12 4.04 -21.90
C ARG B 21 -8.28 5.07 -23.01
N VAL B 22 -7.83 6.29 -22.73
CA VAL B 22 -7.91 7.37 -23.72
C VAL B 22 -6.67 7.39 -24.60
N SER B 23 -6.87 7.31 -25.91
CA SER B 23 -5.75 7.38 -26.83
C SER B 23 -6.01 8.52 -27.81
N TYR B 24 -5.01 8.87 -28.61
CA TYR B 24 -5.12 9.95 -29.58
C TYR B 24 -3.80 9.98 -30.35
N GLY B 25 -3.73 9.22 -31.44
CA GLY B 25 -2.51 9.17 -32.21
C GLY B 25 -1.71 8.01 -31.66
N ASN B 26 -0.49 8.30 -31.20
CA ASN B 26 0.40 7.30 -30.63
C ASN B 26 0.36 7.41 -29.12
N ASN B 27 -0.57 8.19 -28.61
CA ASN B 27 -0.68 8.43 -27.18
C ASN B 27 -1.72 7.58 -26.47
N VAL B 28 -1.25 6.65 -25.64
CA VAL B 28 -2.15 5.80 -24.89
C VAL B 28 -1.99 6.15 -23.42
N LEU B 29 -3.09 6.47 -22.75
CA LEU B 29 -3.03 6.77 -21.33
C LEU B 29 -4.31 6.42 -20.59
N ASN B 30 -4.44 6.90 -19.35
CA ASN B 30 -5.60 6.61 -18.54
C ASN B 30 -6.47 7.83 -18.27
N GLY B 31 -7.79 7.66 -18.42
CA GLY B 31 -8.69 8.75 -18.17
C GLY B 31 -9.68 8.42 -17.06
N LEU B 32 -10.08 9.41 -16.28
CA LEU B 32 -11.04 9.21 -15.22
C LEU B 32 -12.39 9.37 -15.91
N TRP B 33 -13.37 8.54 -15.54
CA TRP B 33 -14.69 8.59 -16.15
C TRP B 33 -15.82 8.74 -15.12
N LEU B 34 -16.25 9.97 -14.93
CA LEU B 34 -17.34 10.26 -14.01
C LEU B 34 -18.43 10.88 -14.88
N GLY B 35 -19.68 10.52 -14.62
CA GLY B 35 -20.77 11.04 -15.43
C GLY B 35 -20.46 10.93 -16.92
N ASP B 36 -21.11 11.74 -17.75
CA ASP B 36 -20.86 11.69 -19.18
C ASP B 36 -19.57 12.40 -19.53
N GLU B 37 -18.72 12.58 -18.51
CA GLU B 37 -17.44 13.23 -18.68
C GLU B 37 -16.27 12.27 -18.47
N VAL B 38 -15.15 12.60 -19.11
CA VAL B 38 -13.93 11.83 -19.01
C VAL B 38 -12.75 12.80 -18.93
N ILE B 39 -12.16 12.96 -17.75
CA ILE B 39 -11.02 13.86 -17.55
C ILE B 39 -9.71 13.11 -17.76
N CYS B 40 -8.66 13.83 -18.17
CA CYS B 40 -7.34 13.21 -18.40
C CYS B 40 -6.26 14.26 -18.69
N PRO B 41 -4.98 13.87 -18.55
CA PRO B 41 -3.91 14.84 -18.82
C PRO B 41 -4.12 15.38 -20.23
N ARG B 42 -3.92 16.68 -20.42
CA ARG B 42 -4.13 17.23 -21.74
C ARG B 42 -3.08 16.78 -22.76
N HIS B 43 -1.80 16.72 -22.36
CA HIS B 43 -0.71 16.34 -23.28
C HIS B 43 -0.94 15.10 -24.15
N VAL B 44 -2.07 14.43 -23.99
CA VAL B 44 -2.34 13.27 -24.81
C VAL B 44 -2.49 13.75 -26.25
N ILE B 45 -3.02 14.95 -26.39
CA ILE B 45 -3.24 15.59 -27.70
C ILE B 45 -1.93 15.91 -28.39
N ALA B 46 -1.00 16.49 -27.64
CA ALA B 46 0.32 16.88 -28.15
C ALA B 46 1.00 15.87 -29.07
N SER B 47 1.37 16.34 -30.26
CA SER B 47 2.04 15.52 -31.28
C SER B 47 3.39 14.98 -30.92
N ASP B 48 4.12 15.69 -30.07
CA ASP B 48 5.43 15.25 -29.61
C ASP B 48 5.63 15.70 -28.18
N THR B 49 5.49 14.78 -27.24
CA THR B 49 5.64 15.07 -25.81
C THR B 49 7.10 15.15 -25.41
N THR B 50 7.96 14.62 -26.27
CA THR B 50 9.38 14.60 -26.01
C THR B 50 10.04 15.91 -26.40
N ARG B 51 9.25 16.97 -26.44
CA ARG B 51 9.73 18.31 -26.80
C ARG B 51 8.74 19.39 -26.42
N VAL B 52 9.26 20.50 -25.92
CA VAL B 52 8.46 21.64 -25.50
C VAL B 52 7.14 21.61 -26.27
N ILE B 53 6.05 21.81 -25.55
CA ILE B 53 4.73 21.76 -26.16
C ILE B 53 4.07 23.11 -26.40
N ASN B 54 3.44 23.20 -27.55
CA ASN B 54 2.68 24.39 -27.86
C ASN B 54 1.25 23.88 -27.88
N TYR B 55 0.54 24.04 -26.76
CA TYR B 55 -0.83 23.58 -26.72
C TYR B 55 -1.64 24.40 -27.70
N GLU B 56 -2.61 25.19 -27.26
CA GLU B 56 -3.44 26.01 -28.16
C GLU B 56 -3.29 25.49 -29.60
N ASN B 57 -2.13 25.74 -30.20
CA ASN B 57 -1.80 25.25 -31.54
C ASN B 57 -2.38 23.85 -31.76
N GLU B 58 -2.03 22.96 -30.83
CA GLU B 58 -2.45 21.56 -30.89
C GLU B 58 -3.95 21.33 -30.76
N MET B 59 -4.62 22.12 -29.93
CA MET B 59 -6.06 21.96 -29.76
C MET B 59 -6.78 22.44 -31.03
N SER B 60 -6.04 23.12 -31.90
CA SER B 60 -6.58 23.66 -33.13
C SER B 60 -6.76 22.69 -34.30
N SER B 61 -6.08 21.56 -34.27
CA SER B 61 -6.25 20.59 -35.35
C SER B 61 -6.40 19.20 -34.74
N VAL B 62 -7.34 19.07 -33.82
CA VAL B 62 -7.63 17.82 -33.14
C VAL B 62 -8.99 17.25 -33.58
N ARG B 63 -8.95 16.38 -34.59
CA ARG B 63 -10.16 15.74 -35.13
C ARG B 63 -10.84 14.84 -34.13
N LEU B 64 -11.74 15.40 -33.33
CA LEU B 64 -12.44 14.63 -32.32
C LEU B 64 -12.70 13.17 -32.74
N HIS B 65 -12.93 12.91 -34.03
CA HIS B 65 -13.20 11.54 -34.46
C HIS B 65 -12.01 10.60 -34.25
N ASN B 66 -10.81 11.16 -34.12
CA ASN B 66 -9.59 10.38 -33.91
C ASN B 66 -9.42 9.88 -32.49
N PHE B 67 -9.98 10.61 -31.53
CA PHE B 67 -9.90 10.22 -30.13
C PHE B 67 -10.28 8.74 -30.02
N SER B 68 -9.91 8.09 -28.92
CA SER B 68 -10.22 6.67 -28.72
C SER B 68 -10.35 6.30 -27.25
N VAL B 69 -11.59 6.26 -26.77
CA VAL B 69 -11.88 5.93 -25.38
C VAL B 69 -12.48 4.53 -25.26
N SER B 70 -12.12 3.81 -24.20
CA SER B 70 -12.65 2.46 -23.99
C SER B 70 -12.45 1.92 -22.58
N LYS B 71 -13.48 1.23 -22.08
CA LYS B 71 -13.45 0.61 -20.76
C LYS B 71 -13.42 -0.87 -21.12
N ASN B 72 -12.26 -1.48 -20.97
CA ASN B 72 -12.05 -2.87 -21.37
C ASN B 72 -12.23 -2.75 -22.89
N ASN B 73 -12.64 -3.79 -23.61
CA ASN B 73 -12.75 -3.59 -25.06
C ASN B 73 -14.15 -3.17 -25.52
N VAL B 74 -14.68 -2.19 -24.81
CA VAL B 74 -15.99 -1.61 -25.09
C VAL B 74 -15.70 -0.13 -25.27
N PHE B 75 -15.86 0.36 -26.49
CA PHE B 75 -15.58 1.74 -26.84
C PHE B 75 -16.62 2.78 -26.47
N LEU B 76 -16.28 4.04 -26.73
CA LEU B 76 -17.13 5.19 -26.45
C LEU B 76 -16.91 6.27 -27.51
N GLY B 77 -17.97 7.04 -27.77
CA GLY B 77 -17.89 8.11 -28.76
C GLY B 77 -17.70 9.46 -28.12
N VAL B 78 -16.91 10.31 -28.74
CA VAL B 78 -16.63 11.64 -28.19
C VAL B 78 -17.54 12.73 -28.74
N VAL B 79 -18.00 13.60 -27.86
CA VAL B 79 -18.83 14.70 -28.29
C VAL B 79 -17.99 15.97 -28.25
N SER B 80 -17.87 16.61 -27.09
CA SER B 80 -17.07 17.83 -26.97
C SER B 80 -15.74 17.57 -26.28
N ALA B 81 -15.04 18.65 -25.95
CA ALA B 81 -13.76 18.57 -25.29
C ALA B 81 -13.31 19.98 -24.95
N ARG B 82 -13.08 20.25 -23.66
CA ARG B 82 -12.66 21.58 -23.27
C ARG B 82 -11.45 21.61 -22.34
N TYR B 83 -10.45 22.39 -22.72
CA TYR B 83 -9.26 22.55 -21.90
C TYR B 83 -9.72 23.12 -20.56
N LYS B 84 -9.24 22.56 -19.46
CA LYS B 84 -9.54 23.11 -18.14
C LYS B 84 -8.24 22.99 -17.39
N GLY B 85 -7.49 24.09 -17.32
CA GLY B 85 -6.21 24.05 -16.67
C GLY B 85 -5.44 23.03 -17.49
N VAL B 86 -4.59 22.25 -16.83
CA VAL B 86 -3.80 21.25 -17.52
C VAL B 86 -4.59 19.97 -17.81
N ASN B 87 -5.84 19.91 -17.36
CA ASN B 87 -6.66 18.73 -17.59
C ASN B 87 -7.52 18.88 -18.85
N LEU B 88 -7.79 17.76 -19.50
CA LEU B 88 -8.61 17.73 -20.70
C LEU B 88 -9.93 17.07 -20.35
N VAL B 89 -11.02 17.67 -20.81
CA VAL B 89 -12.36 17.12 -20.56
C VAL B 89 -12.97 16.59 -21.84
N LEU B 90 -13.68 15.47 -21.72
CA LEU B 90 -14.32 14.90 -22.88
C LEU B 90 -15.73 14.49 -22.54
N LYS B 91 -16.68 15.11 -23.23
CA LYS B 91 -18.07 14.76 -23.03
C LYS B 91 -18.25 13.56 -23.93
N VAL B 92 -18.58 12.41 -23.32
CA VAL B 92 -18.76 11.19 -24.08
C VAL B 92 -20.22 10.90 -24.30
N ASN B 93 -20.50 10.03 -25.27
CA ASN B 93 -21.86 9.67 -25.60
C ASN B 93 -22.38 8.47 -24.82
N GLN B 94 -22.05 8.40 -23.53
CA GLN B 94 -22.51 7.27 -22.74
C GLN B 94 -22.21 7.39 -21.25
N VAL B 95 -23.10 8.05 -20.52
CA VAL B 95 -22.94 8.23 -19.08
C VAL B 95 -22.42 6.93 -18.44
N ASN B 96 -21.57 7.08 -17.42
CA ASN B 96 -20.98 5.94 -16.72
C ASN B 96 -21.86 5.34 -15.65
N PRO B 97 -22.37 4.13 -15.87
CA PRO B 97 -23.23 3.45 -14.89
C PRO B 97 -22.60 3.25 -13.52
N ASN B 98 -21.27 3.24 -13.46
CA ASN B 98 -20.55 3.02 -12.22
C ASN B 98 -20.01 4.25 -11.51
N THR B 99 -20.51 5.40 -11.89
CA THR B 99 -20.05 6.62 -11.28
C THR B 99 -20.25 6.56 -9.77
N PRO B 100 -19.20 6.87 -9.00
CA PRO B 100 -19.31 6.84 -7.54
C PRO B 100 -19.68 8.22 -6.97
N GLU B 101 -20.55 8.25 -5.96
CA GLU B 101 -20.92 9.51 -5.31
C GLU B 101 -19.60 10.06 -4.78
N HIS B 102 -19.27 11.30 -5.10
CA HIS B 102 -17.98 11.85 -4.68
C HIS B 102 -18.00 13.36 -4.55
N LYS B 103 -16.80 13.91 -4.36
CA LYS B 103 -16.57 15.35 -4.24
C LYS B 103 -15.09 15.67 -4.50
N PHE B 104 -14.81 16.78 -5.18
CA PHE B 104 -13.42 17.14 -5.49
C PHE B 104 -12.84 18.08 -4.46
N LYS B 105 -11.52 18.17 -4.46
CA LYS B 105 -10.80 19.05 -3.56
C LYS B 105 -9.35 19.01 -3.98
N SER B 106 -8.49 19.40 -3.07
CA SER B 106 -7.06 19.42 -3.35
C SER B 106 -6.36 19.05 -2.07
N ILE B 107 -5.15 18.55 -2.19
CA ILE B 107 -4.39 18.16 -1.01
C ILE B 107 -3.37 19.21 -0.63
N LYS B 108 -3.37 19.56 0.65
CA LYS B 108 -2.43 20.54 1.16
C LYS B 108 -1.16 19.77 1.39
N ALA B 109 -0.04 20.46 1.59
CA ALA B 109 1.21 19.77 1.82
C ALA B 109 1.13 19.01 3.14
N GLY B 110 1.72 17.83 3.17
CA GLY B 110 1.73 17.04 4.38
C GLY B 110 0.48 16.20 4.58
N GLU B 111 -0.41 16.19 3.59
CA GLU B 111 -1.63 15.41 3.68
C GLU B 111 -1.51 14.12 2.85
N SER B 112 -1.86 13.00 3.47
CA SER B 112 -1.80 11.67 2.82
C SER B 112 -2.97 11.43 1.85
N PHE B 113 -2.72 10.65 0.81
CA PHE B 113 -3.81 10.31 -0.10
C PHE B 113 -3.45 9.08 -0.94
N ASN B 114 -4.46 8.38 -1.43
CA ASN B 114 -4.27 7.15 -2.21
C ASN B 114 -4.05 7.39 -3.69
N ILE B 115 -3.29 6.49 -4.29
CA ILE B 115 -3.01 6.55 -5.72
C ILE B 115 -3.31 5.21 -6.36
N LEU B 116 -3.92 5.28 -7.54
CA LEU B 116 -4.30 4.09 -8.31
C LEU B 116 -3.63 4.18 -9.66
N ALA B 117 -2.44 3.62 -9.77
CA ALA B 117 -1.70 3.64 -11.02
C ALA B 117 -2.39 2.76 -12.05
N CYS B 118 -2.48 3.25 -13.27
CA CYS B 118 -3.14 2.52 -14.33
C CYS B 118 -2.30 2.49 -15.58
N TYR B 119 -2.56 1.49 -16.42
CA TYR B 119 -1.82 1.32 -17.65
C TYR B 119 -2.79 1.00 -18.77
N GLU B 120 -3.08 2.00 -19.60
CA GLU B 120 -4.00 1.83 -20.70
C GLU B 120 -5.34 1.33 -20.20
N GLY B 121 -6.02 2.15 -19.41
CA GLY B 121 -7.33 1.79 -18.90
C GLY B 121 -7.46 0.80 -17.76
N CYS B 122 -6.46 -0.05 -17.57
CA CYS B 122 -6.50 -1.04 -16.50
C CYS B 122 -5.76 -0.61 -15.25
N PRO B 123 -6.44 -0.70 -14.11
CA PRO B 123 -5.75 -0.31 -12.89
C PRO B 123 -4.74 -1.42 -12.60
N GLY B 124 -3.55 -1.04 -12.16
CA GLY B 124 -2.54 -2.03 -11.86
C GLY B 124 -2.16 -2.13 -10.40
N SER B 125 -2.22 -1.03 -9.65
CA SER B 125 -1.81 -1.11 -8.26
C SER B 125 -2.42 -0.03 -7.40
N VAL B 126 -2.43 -0.25 -6.09
CA VAL B 126 -2.98 0.73 -5.18
C VAL B 126 -2.08 1.04 -4.00
N TYR B 127 -1.63 2.28 -3.90
CA TYR B 127 -0.77 2.69 -2.79
C TYR B 127 -1.04 4.12 -2.29
N GLY B 128 -0.92 4.32 -0.99
CA GLY B 128 -1.13 5.64 -0.45
C GLY B 128 0.15 6.46 -0.57
N VAL B 129 0.01 7.78 -0.65
CA VAL B 129 1.16 8.67 -0.78
C VAL B 129 1.06 9.92 0.11
N ASN B 130 1.77 10.98 -0.25
CA ASN B 130 1.76 12.17 0.60
C ASN B 130 2.29 13.41 -0.15
N MET B 131 1.63 14.54 0.06
CA MET B 131 1.99 15.81 -0.58
C MET B 131 3.22 16.47 0.04
N ARG B 132 4.30 16.55 -0.71
CA ARG B 132 5.54 17.16 -0.20
C ARG B 132 5.34 18.67 -0.17
N SER B 133 6.22 19.38 0.52
CA SER B 133 6.08 20.82 0.63
C SER B 133 5.97 21.51 -0.74
N GLN B 134 6.80 21.10 -1.70
CA GLN B 134 6.79 21.71 -3.03
C GLN B 134 5.67 21.28 -3.98
N GLY B 135 4.77 20.43 -3.48
CA GLY B 135 3.65 20.01 -4.31
C GLY B 135 3.91 18.87 -5.27
N THR B 136 4.82 17.99 -4.92
CA THR B 136 5.08 16.85 -5.78
C THR B 136 5.00 15.62 -4.90
N ILE B 137 4.93 14.46 -5.52
CA ILE B 137 4.87 13.23 -4.74
C ILE B 137 5.92 12.24 -5.19
N LYS B 138 6.43 11.48 -4.23
CA LYS B 138 7.38 10.45 -4.54
C LYS B 138 6.48 9.28 -4.91
N GLY B 139 5.76 9.40 -6.03
CA GLY B 139 4.88 8.31 -6.42
C GLY B 139 5.75 7.12 -6.74
N SER B 140 5.51 6.54 -7.91
CA SER B 140 6.28 5.41 -8.39
C SER B 140 5.69 5.20 -9.76
N PHE B 141 5.59 6.29 -10.50
CA PHE B 141 5.01 6.27 -11.84
C PHE B 141 6.03 5.96 -12.91
N ILE B 142 5.56 5.48 -14.06
CA ILE B 142 6.44 5.16 -15.18
C ILE B 142 5.67 5.25 -16.49
N ALA B 143 6.28 4.76 -17.56
CA ALA B 143 5.67 4.79 -18.88
C ALA B 143 4.25 4.26 -18.93
N GLY B 144 3.35 5.21 -19.07
CA GLY B 144 1.99 4.77 -19.26
C GLY B 144 1.03 4.92 -18.09
N THR B 145 1.46 5.40 -17.00
CA THR B 145 0.68 5.68 -15.82
C THR B 145 0.15 7.10 -15.83
N CYS B 146 0.37 7.90 -16.92
CA CYS B 146 -0.18 9.24 -16.95
C CYS B 146 -1.68 9.18 -16.93
N GLY B 147 -2.26 10.07 -16.04
CA GLY B 147 -3.70 10.10 -15.89
C GLY B 147 -4.19 9.25 -14.75
N SER B 148 -3.26 8.60 -14.07
CA SER B 148 -3.60 7.76 -12.94
C SER B 148 -4.34 8.69 -11.99
N VAL B 149 -5.19 8.14 -11.14
CA VAL B 149 -6.01 8.93 -10.23
C VAL B 149 -5.64 8.81 -8.74
N GLY B 150 -5.73 9.93 -8.03
CA GLY B 150 -5.46 9.93 -6.60
C GLY B 150 -6.73 10.29 -5.86
N TYR B 151 -7.08 9.55 -4.82
CA TYR B 151 -8.31 9.82 -4.10
C TYR B 151 -8.18 9.70 -2.58
N VAL B 152 -9.15 10.29 -1.88
CA VAL B 152 -9.18 10.26 -0.42
C VAL B 152 -10.61 10.06 0.01
N LEU B 153 -10.79 9.59 1.23
CA LEU B 153 -12.10 9.40 1.81
C LEU B 153 -12.07 9.98 3.21
N GLU B 154 -12.99 10.89 3.49
CA GLU B 154 -13.09 11.51 4.80
C GLU B 154 -14.57 11.46 5.14
N ASN B 155 -14.98 10.43 5.88
CA ASN B 155 -16.38 10.26 6.25
C ASN B 155 -17.02 9.97 4.91
N GLY B 156 -17.47 8.73 4.70
CA GLY B 156 -18.12 8.33 3.46
C GLY B 156 -18.04 9.22 2.23
N ILE B 157 -17.16 10.21 2.22
CA ILE B 157 -17.04 11.06 1.07
C ILE B 157 -15.77 10.68 0.33
N LEU B 158 -15.95 10.25 -0.91
CA LEU B 158 -14.84 9.88 -1.78
C LEU B 158 -14.50 11.15 -2.52
N TYR B 159 -13.28 11.62 -2.33
CA TYR B 159 -12.87 12.83 -2.98
C TYR B 159 -11.84 12.54 -4.03
N PHE B 160 -11.94 13.26 -5.15
CA PHE B 160 -10.98 13.13 -6.22
C PHE B 160 -10.06 14.33 -6.07
N VAL B 161 -8.76 14.06 -6.02
CA VAL B 161 -7.77 15.10 -5.78
C VAL B 161 -6.58 15.14 -6.70
N TYR B 162 -6.34 14.07 -7.43
CA TYR B 162 -5.14 14.05 -8.24
C TYR B 162 -5.23 13.27 -9.54
N MET B 163 -4.43 13.71 -10.49
CA MET B 163 -4.31 13.05 -11.78
C MET B 163 -2.83 13.24 -12.10
N HIS B 164 -2.17 12.17 -12.54
CA HIS B 164 -0.75 12.23 -12.84
C HIS B 164 -0.41 12.70 -14.27
N HIS B 165 0.58 13.61 -14.36
CA HIS B 165 1.00 14.16 -15.64
C HIS B 165 2.40 13.84 -16.11
N LEU B 166 3.39 14.25 -15.34
CA LEU B 166 4.79 14.06 -15.73
C LEU B 166 5.74 13.79 -14.58
N GLU B 167 7.01 13.61 -14.91
CA GLU B 167 8.02 13.39 -13.89
C GLU B 167 9.18 14.39 -14.03
N LEU B 168 9.64 14.94 -12.91
CA LEU B 168 10.73 15.90 -12.93
C LEU B 168 12.03 15.22 -13.30
N GLY B 169 13.05 16.02 -13.54
CA GLY B 169 14.34 15.45 -13.87
C GLY B 169 14.89 14.68 -12.69
N ASN B 170 14.60 15.16 -11.49
CA ASN B 170 15.10 14.52 -10.27
C ASN B 170 14.40 13.24 -9.88
N GLY B 171 13.18 13.04 -10.34
CA GLY B 171 12.47 11.82 -10.01
C GLY B 171 11.07 12.04 -9.44
N SER B 172 10.86 13.21 -8.84
CA SER B 172 9.57 13.56 -8.25
C SER B 172 8.49 13.51 -9.32
N HIS B 173 7.28 13.16 -8.90
CA HIS B 173 6.14 13.06 -9.82
C HIS B 173 5.19 14.20 -9.63
N VAL B 174 4.79 14.78 -10.75
CA VAL B 174 3.90 15.93 -10.75
C VAL B 174 2.52 15.67 -11.33
N GLY B 175 1.52 16.26 -10.71
CA GLY B 175 0.15 16.10 -11.16
C GLY B 175 -0.72 17.29 -10.82
N SER B 176 -1.96 17.22 -11.30
CA SER B 176 -2.94 18.28 -11.10
C SER B 176 -4.05 17.92 -10.13
N ASN B 177 -4.71 18.93 -9.57
CA ASN B 177 -5.84 18.66 -8.69
C ASN B 177 -6.96 18.66 -9.72
N PHE B 178 -8.21 18.43 -9.33
CA PHE B 178 -9.24 18.37 -10.36
C PHE B 178 -9.84 19.67 -10.88
N GLU B 179 -9.37 20.78 -10.34
CA GLU B 179 -9.81 22.09 -10.77
C GLU B 179 -8.92 22.50 -11.96
N GLY B 180 -8.10 21.55 -12.42
CA GLY B 180 -7.20 21.80 -13.54
C GLY B 180 -5.86 22.41 -13.15
N GLU B 181 -5.61 22.47 -11.85
CA GLU B 181 -4.38 23.06 -11.33
C GLU B 181 -3.25 22.06 -11.13
N MET B 182 -2.13 22.28 -11.81
CA MET B 182 -0.98 21.39 -11.65
C MET B 182 -0.47 21.75 -10.25
N TYR B 183 -0.14 20.74 -9.44
CA TYR B 183 0.36 21.00 -8.09
C TYR B 183 1.78 21.53 -8.17
N GLY B 184 2.08 22.55 -7.38
CA GLY B 184 3.42 23.11 -7.38
C GLY B 184 3.66 24.03 -8.55
N GLY B 185 2.59 24.44 -9.20
CA GLY B 185 2.70 25.34 -10.34
C GLY B 185 3.50 24.84 -11.53
N TYR B 186 4.02 23.62 -11.48
CA TYR B 186 4.79 23.08 -12.59
C TYR B 186 3.96 23.00 -13.86
N GLU B 187 4.65 23.11 -14.99
CA GLU B 187 4.01 23.07 -16.30
C GLU B 187 4.18 21.73 -16.97
N ASP B 188 3.33 21.47 -17.96
CA ASP B 188 3.33 20.22 -18.73
C ASP B 188 4.28 20.32 -19.92
N GLN B 189 5.56 20.45 -19.62
CA GLN B 189 6.61 20.61 -20.62
C GLN B 189 7.85 19.80 -20.30
N PRO B 190 8.36 19.04 -21.28
CA PRO B 190 9.57 18.24 -21.06
C PRO B 190 10.79 19.17 -20.91
N SER B 191 10.69 20.09 -19.95
CA SER B 191 11.72 21.07 -19.64
C SER B 191 12.33 20.78 -18.27
N MET B 192 13.56 21.22 -18.09
CA MET B 192 14.23 21.08 -16.83
C MET B 192 13.75 21.99 -15.74
N GLN B 193 12.74 21.57 -15.02
CA GLN B 193 12.13 22.43 -14.02
C GLN B 193 12.58 21.96 -12.65
N LEU B 194 12.83 22.90 -11.75
CA LEU B 194 13.30 22.58 -10.42
C LEU B 194 12.16 22.40 -9.44
N GLU B 195 12.44 21.67 -8.36
CA GLU B 195 11.46 21.45 -7.30
C GLU B 195 11.74 22.36 -6.10
N GLY B 196 13.01 22.63 -5.84
CA GLY B 196 13.37 23.46 -4.71
C GLY B 196 13.32 22.60 -3.47
N THR B 197 14.20 22.87 -2.50
CA THR B 197 14.26 22.08 -1.28
C THR B 197 12.90 21.60 -0.79
N ASN B 198 12.92 20.41 -0.18
CA ASN B 198 11.73 19.78 0.37
C ASN B 198 11.60 20.18 1.85
N VAL B 199 10.41 20.57 2.28
CA VAL B 199 10.22 20.94 3.68
C VAL B 199 9.47 19.84 4.43
N MET B 200 10.20 19.18 5.32
CA MET B 200 9.67 18.09 6.12
C MET B 200 8.47 18.51 6.93
N SER B 201 7.43 17.69 6.88
CA SER B 201 6.23 17.97 7.65
C SER B 201 6.43 17.59 9.12
N SER B 202 6.53 18.60 9.96
CA SER B 202 6.71 18.41 11.40
C SER B 202 5.53 17.65 11.97
N ASP B 203 4.31 18.10 11.66
CA ASP B 203 3.14 17.43 12.19
C ASP B 203 3.30 15.94 11.97
N ASN B 204 3.57 15.57 10.73
CA ASN B 204 3.75 14.17 10.35
C ASN B 204 4.96 13.44 10.91
N VAL B 205 6.03 14.14 11.28
CA VAL B 205 7.20 13.47 11.83
C VAL B 205 6.93 13.13 13.29
N VAL B 206 6.16 14.01 13.95
CA VAL B 206 5.79 13.81 15.35
C VAL B 206 4.94 12.54 15.42
N ALA B 207 3.91 12.46 14.56
CA ALA B 207 3.01 11.30 14.52
C ALA B 207 3.84 10.02 14.36
N PHE B 208 4.79 10.06 13.44
CA PHE B 208 5.68 8.95 13.16
C PHE B 208 6.36 8.47 14.46
N LEU B 209 6.85 9.42 15.26
CA LEU B 209 7.53 9.08 16.51
C LEU B 209 6.53 8.54 17.53
N TYR B 210 5.33 9.09 17.55
CA TYR B 210 4.34 8.61 18.49
C TYR B 210 4.08 7.18 18.15
N ALA B 211 3.77 6.93 16.88
CA ALA B 211 3.52 5.59 16.41
C ALA B 211 4.65 4.66 16.85
N ALA B 212 5.89 5.13 16.74
CA ALA B 212 7.05 4.31 17.12
C ALA B 212 6.92 3.87 18.58
N LEU B 213 6.67 4.84 19.46
CA LEU B 213 6.49 4.57 20.88
C LEU B 213 5.48 3.44 20.96
N ILE B 214 4.30 3.70 20.41
CA ILE B 214 3.17 2.75 20.39
C ILE B 214 3.57 1.31 20.13
N ASN B 215 4.44 1.09 19.16
CA ASN B 215 4.86 -0.27 18.86
C ASN B 215 6.09 -0.57 19.69
N GLY B 216 6.09 -0.02 20.90
CA GLY B 216 7.18 -0.23 21.84
C GLY B 216 8.58 0.14 21.40
N GLU B 217 8.77 1.38 20.96
CA GLU B 217 10.10 1.84 20.56
C GLU B 217 10.33 3.17 21.26
N ARG B 218 11.39 3.23 22.06
CA ARG B 218 11.68 4.44 22.82
C ARG B 218 13.13 4.89 22.89
N TRP B 219 14.06 4.08 22.42
CA TRP B 219 15.47 4.46 22.50
C TRP B 219 15.75 5.90 22.16
N PHE B 220 14.90 6.51 21.35
CA PHE B 220 15.09 7.90 20.93
C PHE B 220 14.37 8.93 21.81
N VAL B 221 13.89 8.51 22.98
CA VAL B 221 13.20 9.45 23.86
C VAL B 221 13.96 9.56 25.17
N THR B 222 14.37 10.78 25.48
CA THR B 222 15.12 11.02 26.70
C THR B 222 14.59 12.21 27.47
N ASN B 223 14.71 12.14 28.79
CA ASN B 223 14.30 13.25 29.66
C ASN B 223 15.11 14.43 29.19
N THR B 224 14.39 15.49 28.80
CA THR B 224 14.96 16.71 28.25
C THR B 224 13.85 17.10 27.28
N SER B 225 13.55 18.38 27.17
CA SER B 225 12.49 18.79 26.27
C SER B 225 12.66 20.16 25.65
N MET B 226 12.05 20.32 24.48
CA MET B 226 12.11 21.55 23.72
C MET B 226 10.70 22.18 23.65
N SER B 227 10.64 23.50 23.72
CA SER B 227 9.35 24.17 23.63
C SER B 227 9.06 24.42 22.16
N LEU B 228 7.78 24.57 21.84
CA LEU B 228 7.40 24.79 20.47
C LEU B 228 8.23 25.95 19.94
N GLU B 229 8.47 26.91 20.82
CA GLU B 229 9.27 28.09 20.51
C GLU B 229 10.59 27.62 19.94
N SER B 230 11.41 27.06 20.81
CA SER B 230 12.72 26.55 20.44
C SER B 230 12.59 25.74 19.16
N TYR B 231 12.08 24.52 19.27
CA TYR B 231 11.91 23.66 18.11
C TYR B 231 11.57 24.50 16.87
N ASN B 232 10.53 25.34 16.97
CA ASN B 232 10.10 26.19 15.85
C ASN B 232 11.26 26.92 15.19
N THR B 233 12.18 27.40 16.00
CA THR B 233 13.34 28.09 15.47
C THR B 233 14.03 27.10 14.54
N TRP B 234 14.74 26.15 15.15
CA TRP B 234 15.45 25.09 14.45
C TRP B 234 14.67 24.68 13.19
N ALA B 235 13.38 24.48 13.38
CA ALA B 235 12.51 24.10 12.29
C ALA B 235 12.85 24.98 11.10
N LYS B 236 12.76 26.29 11.29
CA LYS B 236 13.01 27.26 10.23
C LYS B 236 14.39 27.18 9.62
N THR B 237 15.31 26.46 10.25
CA THR B 237 16.65 26.37 9.69
C THR B 237 16.95 25.04 9.01
N ASN B 238 16.27 23.98 9.41
CA ASN B 238 16.53 22.68 8.80
C ASN B 238 15.41 22.16 7.92
N SER B 239 14.57 23.07 7.46
CA SER B 239 13.47 22.73 6.56
C SER B 239 12.40 21.80 7.12
N PHE B 240 11.81 22.19 8.24
CA PHE B 240 10.73 21.44 8.89
C PHE B 240 9.56 22.39 9.06
N THR B 241 8.37 21.96 8.66
CA THR B 241 7.22 22.84 8.82
C THR B 241 7.23 23.29 10.27
N GLU B 242 6.40 24.26 10.61
CA GLU B 242 6.39 24.71 11.98
C GLU B 242 5.13 24.20 12.70
N LEU B 243 5.24 23.99 14.01
CA LEU B 243 4.10 23.52 14.81
C LEU B 243 3.31 24.72 15.35
N SER B 244 2.00 24.71 15.18
CA SER B 244 1.22 25.84 15.69
C SER B 244 0.65 25.51 17.08
N SER B 245 -0.04 24.37 17.20
CA SER B 245 -0.60 23.98 18.48
C SER B 245 -0.35 22.51 18.80
N THR B 246 0.29 22.29 19.95
CA THR B 246 0.61 20.94 20.42
C THR B 246 -0.65 20.09 20.51
N ASP B 247 -1.79 20.67 20.10
CA ASP B 247 -3.08 19.98 20.10
C ASP B 247 -2.89 18.68 19.33
N ALA B 248 -3.75 18.45 18.34
CA ALA B 248 -3.67 17.26 17.51
C ALA B 248 -3.23 15.98 18.26
N PHE B 249 -2.01 16.00 18.79
CA PHE B 249 -1.41 14.88 19.49
C PHE B 249 -1.79 14.59 20.93
N SER B 250 -2.67 15.39 21.52
CA SER B 250 -3.09 15.16 22.90
C SER B 250 -3.47 13.68 23.03
N MET B 251 -4.22 13.22 22.04
CA MET B 251 -4.65 11.84 21.94
C MET B 251 -3.47 10.91 22.21
N LEU B 252 -2.58 10.80 21.23
CA LEU B 252 -1.40 9.96 21.31
C LEU B 252 -0.57 10.25 22.56
N ALA B 253 -0.41 11.54 22.85
CA ALA B 253 0.34 11.98 24.02
C ALA B 253 -0.15 11.28 25.29
N ALA B 254 -1.43 10.89 25.28
CA ALA B 254 -2.06 10.20 26.40
C ALA B 254 -1.76 8.70 26.33
N LYS B 255 -2.21 8.05 25.25
CA LYS B 255 -2.00 6.62 25.04
C LYS B 255 -0.55 6.22 25.32
N THR B 256 0.36 7.20 25.27
CA THR B 256 1.79 6.94 25.50
C THR B 256 2.41 7.82 26.58
N GLY B 257 1.59 8.64 27.23
CA GLY B 257 2.08 9.50 28.29
C GLY B 257 3.11 10.56 27.90
N GLN B 258 3.83 10.34 26.80
CA GLN B 258 4.85 11.31 26.36
C GLN B 258 4.25 12.47 25.57
N SER B 259 4.74 13.67 25.85
CA SER B 259 4.23 14.85 25.17
C SER B 259 5.07 15.27 23.99
N VAL B 260 4.45 16.04 23.09
CA VAL B 260 5.14 16.53 21.91
C VAL B 260 6.50 17.05 22.35
N GLU B 261 6.49 18.11 23.15
CA GLU B 261 7.71 18.72 23.68
C GLU B 261 8.90 17.75 23.76
N LYS B 262 8.64 16.56 24.30
CA LYS B 262 9.68 15.53 24.46
C LYS B 262 10.10 14.94 23.11
N LEU B 263 9.28 15.17 22.09
CA LEU B 263 9.54 14.68 20.73
C LEU B 263 10.27 15.72 19.89
N LEU B 264 9.85 16.96 19.99
CA LEU B 264 10.51 18.01 19.21
C LEU B 264 12.01 17.96 19.47
N ASP B 265 12.38 17.54 20.68
CA ASP B 265 13.79 17.41 21.07
C ASP B 265 14.35 16.21 20.29
N SER B 266 13.60 15.11 20.34
CA SER B 266 13.97 13.88 19.64
C SER B 266 14.30 14.22 18.20
N ILE B 267 13.37 14.91 17.54
CA ILE B 267 13.55 15.31 16.15
C ILE B 267 14.95 15.84 15.91
N VAL B 268 15.25 16.91 16.63
CA VAL B 268 16.53 17.57 16.51
C VAL B 268 17.69 16.62 16.70
N ARG B 269 17.65 15.78 17.72
CA ARG B 269 18.74 14.82 17.91
C ARG B 269 18.85 13.95 16.64
N LEU B 270 17.71 13.37 16.28
CA LEU B 270 17.58 12.47 15.13
C LEU B 270 17.78 13.03 13.72
N ASN B 271 17.69 14.35 13.58
CA ASN B 271 17.80 14.97 12.27
C ASN B 271 19.09 14.73 11.51
N LYS B 272 19.98 13.95 12.10
CA LYS B 272 21.20 13.63 11.37
C LYS B 272 21.69 12.26 11.38
N GLY B 273 20.69 11.40 11.28
CA GLY B 273 20.95 10.00 11.24
C GLY B 273 20.73 9.33 12.56
N PHE B 274 20.29 8.08 12.47
CA PHE B 274 20.06 7.28 13.66
C PHE B 274 21.34 6.51 13.99
N GLY B 275 22.42 6.88 13.31
CA GLY B 275 23.73 6.30 13.54
C GLY B 275 23.93 4.81 13.29
N GLY B 276 22.96 4.01 13.70
CA GLY B 276 23.06 2.58 13.51
C GLY B 276 21.76 1.97 13.97
N ARG B 277 20.98 2.80 14.64
CA ARG B 277 19.68 2.39 15.15
C ARG B 277 18.62 2.65 14.08
N THR B 278 17.39 2.28 14.38
CA THR B 278 16.32 2.45 13.43
C THR B 278 15.00 2.66 14.17
N ILE B 279 14.02 3.19 13.47
CA ILE B 279 12.70 3.41 14.05
C ILE B 279 11.65 2.85 13.08
N LEU B 280 10.85 1.90 13.57
CA LEU B 280 9.83 1.26 12.75
C LEU B 280 10.50 0.77 11.47
N SER B 281 11.79 0.43 11.61
CA SER B 281 12.63 -0.07 10.52
C SER B 281 13.25 1.02 9.64
N TYR B 282 12.84 2.26 9.87
CA TYR B 282 13.40 3.38 9.12
C TYR B 282 14.72 3.82 9.75
N GLY B 283 15.69 4.14 8.90
CA GLY B 283 16.98 4.58 9.38
C GLY B 283 17.07 6.09 9.55
N SER B 284 16.14 6.82 8.94
CA SER B 284 16.14 8.26 9.08
C SER B 284 14.73 8.68 9.48
N LEU B 285 14.51 9.98 9.65
CA LEU B 285 13.18 10.47 10.01
C LEU B 285 12.24 10.41 8.79
N CYS B 286 10.96 10.13 9.04
CA CYS B 286 9.96 9.98 7.99
C CYS B 286 8.69 10.77 8.27
N ASP B 287 8.13 11.41 7.25
CA ASP B 287 6.93 12.21 7.42
C ASP B 287 5.81 11.85 6.47
N GLU B 288 5.74 10.59 6.05
CA GLU B 288 4.71 10.16 5.12
C GLU B 288 3.39 9.81 5.81
N PHE B 289 3.42 9.77 7.14
CA PHE B 289 2.23 9.43 7.88
C PHE B 289 1.71 10.65 8.60
N THR B 290 0.40 10.70 8.82
CA THR B 290 -0.23 11.81 9.51
C THR B 290 -0.89 11.30 10.79
N PRO B 291 -0.98 12.15 11.81
CA PRO B 291 -1.62 11.73 13.07
C PRO B 291 -2.88 10.90 12.81
N THR B 292 -3.66 11.32 11.83
CA THR B 292 -4.87 10.59 11.47
C THR B 292 -4.57 9.12 11.20
N GLU B 293 -3.58 8.90 10.36
CA GLU B 293 -3.19 7.56 10.00
C GLU B 293 -2.67 6.80 11.22
N VAL B 294 -1.76 7.39 11.98
CA VAL B 294 -1.25 6.71 13.17
C VAL B 294 -2.38 6.32 14.11
N ILE B 295 -3.31 7.25 14.31
CA ILE B 295 -4.46 7.04 15.18
C ILE B 295 -5.39 5.97 14.62
N ARG B 296 -5.68 6.09 13.34
CA ARG B 296 -6.56 5.15 12.67
C ARG B 296 -5.89 3.80 12.49
N GLN B 297 -4.62 3.81 12.14
CA GLN B 297 -3.88 2.57 11.94
C GLN B 297 -3.52 1.88 13.24
N MET B 298 -2.94 2.60 14.18
CA MET B 298 -2.56 1.99 15.45
C MET B 298 -3.79 1.67 16.28
N TYR B 299 -3.55 1.06 17.43
CA TYR B 299 -4.63 0.70 18.35
C TYR B 299 -5.70 1.82 18.29
N GLY B 300 -6.61 1.69 17.34
CA GLY B 300 -7.65 2.69 17.17
C GLY B 300 -8.53 2.50 15.95
N VAL B 301 -9.61 3.28 15.90
CA VAL B 301 -10.61 3.25 14.84
C VAL B 301 -10.12 2.95 13.43
N1 I12 C . -2.10 -15.41 24.79
C1 I12 C . -1.01 -15.76 25.50
C2 I12 C . -1.53 -15.98 26.83
C3 I12 C . -2.90 -15.78 26.86
C4 I12 C . -3.74 -15.92 28.01
O1 I12 C . -3.40 -15.41 25.61
C5 I12 C . 0.22 -15.66 24.45
O2 I12 C . 1.54 -15.87 24.39
N2 I12 C . -0.55 -15.17 23.19
C6 I12 C . -0.82 -15.14 21.91
C7 I12 C . -2.35 -15.01 21.77
O3 I12 C . -3.03 -15.98 21.96
C8 I12 C . -0.45 -16.38 21.23
N3 I12 C . -2.96 -14.55 20.70
C9 I12 C . -4.16 -13.72 21.03
C10 I12 C . -3.77 -12.20 21.41
C11 I12 C . -5.03 -11.32 21.75
C12 I12 C . -2.84 -12.16 22.63
C13 I12 C . -5.05 -13.84 19.84
O4 I12 C . -4.58 -13.49 18.68
N4 I12 C . -6.19 -14.26 20.08
C14 I12 C . -7.27 -14.44 18.93
C15 I12 C . -8.44 -15.36 19.31
C16 I12 C . -8.13 -16.83 19.71
C17 I12 C . -7.43 -17.60 18.59
C18 I12 C . -9.44 -17.54 20.07
C19 I12 C . -7.88 -12.87 18.58
O5 I12 C . -8.22 -11.99 19.48
N5 I12 C . -7.62 -12.37 17.47
C20 I12 C . -7.82 -11.79 16.16
C21 I12 C . -9.03 -11.11 15.50
C22 I12 C . -10.18 -10.98 16.46
C23 I12 C . -11.00 -10.09 17.38
O6 I12 C . -12.00 -9.52 16.84
O7 I12 C . -10.76 -10.12 18.69
C24 I12 C . -11.79 -9.68 19.45
C25 I12 C . -11.13 -9.94 20.78
C26 I12 C . -6.92 -10.58 16.17
C27 I12 C . -5.58 -10.15 16.61
C28 I12 C . -5.61 -8.97 17.51
C29 I12 C . -4.21 -8.42 17.34
N6 I12 C . -3.95 -8.75 15.96
C30 I12 C . -4.71 -9.71 15.52
O8 I12 C . -4.59 -10.18 14.46
N1 I12 D . 12.95 16.03 -20.09
C1 I12 D . 14.12 16.63 -19.66
C2 I12 D . 14.90 16.75 -20.90
C3 I12 D . 14.12 16.26 -21.99
C4 I12 D . 14.50 16.22 -23.37
O1 I12 D . 12.89 15.79 -21.60
C5 I12 D . 13.87 16.69 -18.05
O2 I12 D . 14.34 17.09 -16.86
N2 I12 D . 12.72 16.65 -17.81
C6 I12 D . 11.73 16.34 -17.19
C7 I12 D . 11.01 15.59 -18.23
O3 I12 D . 10.61 16.19 -19.18
C8 I12 D . 11.00 17.58 -16.87
N3 I12 D . 10.02 14.85 -17.95
C9 I12 D . 9.36 13.76 -18.67
C10 I12 D . 10.37 12.52 -18.65
C11 I12 D . 10.02 11.41 -19.70
C12 I12 D . 11.80 12.94 -18.92
C13 I12 D . 8.13 13.68 -18.64
O4 I12 D . 7.85 13.52 -17.39
N4 I12 D . 7.33 13.74 -19.58
C14 I12 D . 5.72 13.86 -19.63
C15 I12 D . 5.06 14.54 -20.84
C16 I12 D . 5.20 16.07 -20.99
C17 I12 D . 4.61 16.83 -19.82
C18 I12 D . 4.48 16.48 -22.28
C19 I12 D . 5.40 12.35 -19.60
O5 I12 D . 6.11 11.56 -20.36
N5 I12 D . 4.49 11.77 -18.98
C20 I12 D . 4.81 10.54 -18.38
C21 I12 D . 3.62 9.70 -18.79
C22 I12 D . 3.56 9.39 -20.27
C23 I12 D . 4.23 8.27 -21.04
O6 I12 D . 4.13 7.11 -20.61
O7 I12 D . 4.77 8.77 -22.20
C24 I12 D . 5.59 7.97 -23.07
C25 I12 D . 6.11 8.80 -24.15
C26 I12 D . 4.92 9.85 -17.08
C27 I12 D . 6.26 9.64 -16.55
C28 I12 D . 6.95 8.42 -17.09
C29 I12 D . 8.00 8.16 -16.02
N6 I12 D . 7.30 8.61 -14.83
C30 I12 D . 6.32 9.44 -15.09
O8 I12 D . 5.55 9.86 -14.32
#